data_7R29
#
_entry.id   7R29
#
_cell.length_a   76.200
_cell.length_b   85.290
_cell.length_c   89.400
_cell.angle_alpha   90.000
_cell.angle_beta   90.000
_cell.angle_gamma   90.000
#
_symmetry.space_group_name_H-M   'P 21 21 21'
#
loop_
_entity.id
_entity.type
_entity.pdbx_description
1 polymer EGI
2 branched beta-D-glucopyranose-(1-4)-beta-D-glucopyranose-(1-4)-alpha-D-glucopyranose
3 non-polymer GLYCEROL
4 non-polymer 'SULFATE ION'
5 water water
#
_entity_poly.entity_id   1
_entity_poly.type   'polypeptide(L)'
_entity_poly.pdbx_seq_one_letter_code
;AKVFQWFGSNESGAEFGSQNLPGVEGKDYIWPDPNTIDTLISKGMNIFRVPFMMERLVPNSMTGSPDPNYLADLIATVNA
ITQKGAYAVVDPHNYGRYYNSIISSPSDFQTFWKTVASQFASNPLVIFDTNNQYHDMDQTLVLNLNQAAIDGIRSAGATS
QYIFVEGNSWTGAWTWTNVNDNMKSLTDPSDKIIYEMHQFLDSDGSGTSATCVSSTIGQERITSATQWLRANGKKGIIGE
FAGGANDVCETAITGMLDYMAQNTDVWTGAIWWAAGPWWGDYIFSMEPDNGIAYQQILPILTPYL
;
_entity_poly.pdbx_strand_id   A,B
#
# COMPACT_ATOMS: atom_id res chain seq x y z
N ALA A 1 -34.55 -6.35 -7.25
CA ALA A 1 -33.27 -6.04 -6.64
C ALA A 1 -33.41 -4.95 -5.56
N LYS A 2 -34.56 -4.30 -5.54
CA LYS A 2 -34.87 -3.22 -4.61
C LYS A 2 -33.93 -2.03 -4.78
N VAL A 3 -33.05 -1.74 -3.81
CA VAL A 3 -32.34 -0.46 -3.86
C VAL A 3 -31.29 -0.44 -4.96
N PHE A 4 -30.41 -1.43 -4.99
CA PHE A 4 -29.28 -1.49 -5.90
C PHE A 4 -29.46 -2.62 -6.89
N GLN A 5 -28.73 -2.51 -8.02
CA GLN A 5 -28.67 -3.63 -8.97
C GLN A 5 -28.14 -4.89 -8.28
N TRP A 6 -27.09 -4.75 -7.47
CA TRP A 6 -26.46 -5.88 -6.81
C TRP A 6 -26.17 -5.52 -5.36
N PHE A 7 -26.46 -6.45 -4.46
CA PHE A 7 -26.06 -6.29 -3.06
C PHE A 7 -25.82 -7.69 -2.50
N GLY A 8 -24.64 -7.92 -1.94
CA GLY A 8 -24.35 -9.29 -1.49
C GLY A 8 -23.07 -9.38 -0.70
N SER A 9 -22.33 -10.49 -0.84
CA SER A 9 -21.22 -10.78 0.02
C SER A 9 -20.11 -11.50 -0.76
N ASN A 10 -18.89 -11.26 -0.33
CA ASN A 10 -17.79 -12.12 -0.67
C ASN A 10 -17.95 -13.46 0.04
N GLU A 11 -17.45 -14.51 -0.63
CA GLU A 11 -17.49 -15.89 -0.14
C GLU A 11 -16.04 -16.36 -0.21
N SER A 12 -15.30 -16.09 0.87
CA SER A 12 -13.86 -16.22 0.93
C SER A 12 -13.47 -17.58 1.52
N GLY A 13 -12.32 -18.08 1.10
CA GLY A 13 -11.80 -19.35 1.61
C GLY A 13 -10.92 -20.05 0.59
N ALA A 14 -11.25 -19.97 -0.70
CA ALA A 14 -10.48 -20.76 -1.68
C ALA A 14 -9.11 -20.13 -1.94
N GLU A 15 -8.94 -18.87 -1.50
CA GLU A 15 -7.69 -18.15 -1.65
C GLU A 15 -6.89 -18.13 -0.36
N PHE A 16 -7.38 -18.81 0.68
CA PHE A 16 -6.67 -18.81 1.96
C PHE A 16 -5.29 -19.44 1.84
N GLY A 17 -4.41 -19.07 2.75
CA GLY A 17 -3.10 -19.70 2.81
C GLY A 17 -2.29 -19.54 1.55
N SER A 18 -2.23 -18.30 1.04
CA SER A 18 -1.61 -18.02 -0.25
C SER A 18 -0.10 -18.23 -0.26
N GLN A 19 0.54 -18.41 0.90
CA GLN A 19 1.94 -18.75 0.94
C GLN A 19 2.19 -20.22 0.57
N ASN A 20 1.15 -21.02 0.44
CA ASN A 20 1.24 -22.46 0.25
C ASN A 20 0.61 -22.78 -1.10
N LEU A 21 1.46 -22.97 -2.13
CA LEU A 21 1.01 -23.28 -3.49
C LEU A 21 1.66 -24.57 -3.95
N PRO A 22 0.89 -25.57 -4.42
CA PRO A 22 -0.57 -25.49 -4.60
C PRO A 22 -1.39 -25.45 -3.31
N GLY A 23 -0.82 -25.87 -2.17
CA GLY A 23 -1.59 -26.00 -0.95
C GLY A 23 -2.53 -27.20 -1.06
N VAL A 24 -3.21 -27.48 0.04
CA VAL A 24 -4.02 -28.69 0.18
C VAL A 24 -5.44 -28.28 0.58
N GLU A 25 -6.42 -28.68 -0.23
CA GLU A 25 -7.81 -28.38 0.08
C GLU A 25 -8.19 -29.05 1.40
N GLY A 26 -8.92 -28.32 2.24
CA GLY A 26 -9.28 -28.80 3.56
C GLY A 26 -8.25 -28.54 4.63
N LYS A 27 -7.04 -28.12 4.22
CA LYS A 27 -5.99 -27.74 5.17
CA LYS A 27 -5.98 -27.75 5.16
C LYS A 27 -5.59 -26.28 4.99
N ASP A 28 -5.17 -25.87 3.79
CA ASP A 28 -4.79 -24.50 3.52
C ASP A 28 -5.94 -23.65 3.06
N TYR A 29 -6.94 -24.23 2.41
CA TYR A 29 -8.03 -23.46 1.82
C TYR A 29 -9.28 -24.34 1.77
N ILE A 30 -10.43 -23.70 1.53
CA ILE A 30 -11.70 -24.39 1.46
C ILE A 30 -12.64 -23.59 0.55
N TRP A 31 -13.56 -24.26 -0.12
CA TRP A 31 -14.53 -23.56 -0.95
C TRP A 31 -15.79 -23.21 -0.16
N PRO A 32 -16.57 -22.23 -0.64
CA PRO A 32 -17.78 -21.80 0.09
C PRO A 32 -18.80 -22.92 0.24
N ASP A 33 -19.63 -22.78 1.25
CA ASP A 33 -20.69 -23.74 1.56
C ASP A 33 -21.95 -23.34 0.83
N PRO A 34 -22.44 -24.13 -0.13
CA PRO A 34 -23.68 -23.77 -0.83
CA PRO A 34 -23.68 -23.76 -0.82
C PRO A 34 -24.86 -23.60 0.11
N ASN A 35 -24.89 -24.33 1.23
CA ASN A 35 -26.04 -24.21 2.12
CA ASN A 35 -26.03 -24.21 2.13
C ASN A 35 -26.09 -22.83 2.78
N THR A 36 -24.94 -22.29 3.18
CA THR A 36 -25.00 -20.96 3.79
C THR A 36 -25.17 -19.87 2.76
N ILE A 37 -24.67 -20.06 1.53
CA ILE A 37 -25.02 -19.15 0.44
C ILE A 37 -26.54 -19.08 0.29
N ASP A 38 -27.21 -20.24 0.30
CA ASP A 38 -28.67 -20.25 0.15
C ASP A 38 -29.33 -19.42 1.24
N THR A 39 -28.84 -19.51 2.49
CA THR A 39 -29.37 -18.67 3.55
C THR A 39 -29.23 -17.19 3.22
N LEU A 40 -28.06 -16.78 2.73
CA LEU A 40 -27.87 -15.39 2.38
C LEU A 40 -28.76 -14.98 1.19
N ILE A 41 -28.96 -15.89 0.24
CA ILE A 41 -29.90 -15.61 -0.85
C ILE A 41 -31.29 -15.38 -0.29
N SER A 42 -31.69 -16.19 0.67
CA SER A 42 -33.01 -16.06 1.27
C SER A 42 -33.18 -14.75 2.01
N LYS A 43 -32.08 -14.14 2.46
CA LYS A 43 -32.15 -12.82 3.08
C LYS A 43 -32.20 -11.70 2.04
N GLY A 44 -32.05 -12.02 0.76
CA GLY A 44 -32.20 -11.06 -0.30
C GLY A 44 -30.91 -10.69 -1.01
N MET A 45 -29.78 -11.29 -0.63
CA MET A 45 -28.56 -11.04 -1.39
C MET A 45 -28.59 -11.69 -2.76
N ASN A 46 -28.03 -10.99 -3.76
CA ASN A 46 -28.11 -11.46 -5.14
C ASN A 46 -26.79 -11.46 -5.86
N ILE A 47 -25.67 -11.30 -5.15
CA ILE A 47 -24.34 -11.36 -5.76
C ILE A 47 -23.39 -11.95 -4.73
N PHE A 48 -22.54 -12.87 -5.19
CA PHE A 48 -21.57 -13.53 -4.33
C PHE A 48 -20.23 -13.55 -5.05
N ARG A 49 -19.23 -12.94 -4.44
CA ARG A 49 -17.91 -12.85 -5.04
C ARG A 49 -17.00 -13.94 -4.49
N VAL A 50 -16.37 -14.69 -5.37
CA VAL A 50 -15.65 -15.91 -5.01
C VAL A 50 -14.18 -15.72 -5.30
N PRO A 51 -13.37 -15.33 -4.30
CA PRO A 51 -11.92 -15.31 -4.48
C PRO A 51 -11.34 -16.69 -4.70
N PHE A 52 -10.30 -16.74 -5.50
CA PHE A 52 -9.52 -17.96 -5.71
C PHE A 52 -8.12 -17.52 -6.14
N MET A 53 -7.14 -18.43 -6.08
CA MET A 53 -5.78 -18.13 -6.50
CA MET A 53 -5.78 -18.11 -6.50
C MET A 53 -5.55 -18.53 -7.95
N MET A 54 -4.99 -17.62 -8.75
CA MET A 54 -4.66 -17.93 -10.15
C MET A 54 -3.77 -19.16 -10.22
N GLU A 55 -2.80 -19.27 -9.31
CA GLU A 55 -1.83 -20.38 -9.38
C GLU A 55 -2.44 -21.71 -9.03
N ARG A 56 -3.50 -21.72 -8.21
CA ARG A 56 -4.20 -22.97 -7.90
C ARG A 56 -5.12 -23.36 -9.05
N LEU A 57 -5.66 -22.38 -9.78
CA LEU A 57 -6.54 -22.72 -10.91
C LEU A 57 -5.76 -23.07 -12.16
N VAL A 58 -4.67 -22.35 -12.44
CA VAL A 58 -3.81 -22.58 -13.61
C VAL A 58 -2.36 -22.59 -13.13
N PRO A 59 -1.86 -23.74 -12.69
CA PRO A 59 -0.51 -23.80 -12.09
C PRO A 59 0.61 -23.57 -13.09
N ASN A 60 1.76 -23.13 -12.54
CA ASN A 60 3.05 -23.08 -13.23
C ASN A 60 3.19 -21.92 -14.22
N SER A 61 2.31 -21.90 -15.21
CA SER A 61 2.27 -20.81 -16.19
CA SER A 61 2.27 -20.81 -16.18
C SER A 61 0.81 -20.47 -16.41
N MET A 62 0.51 -19.18 -16.41
CA MET A 62 -0.84 -18.73 -16.61
C MET A 62 -1.40 -19.01 -17.99
N THR A 63 -0.56 -19.42 -18.94
CA THR A 63 -0.99 -19.82 -20.27
C THR A 63 -1.28 -21.32 -20.35
N GLY A 64 -1.16 -22.06 -19.25
CA GLY A 64 -1.30 -23.50 -19.25
C GLY A 64 -2.73 -23.96 -19.01
N SER A 65 -2.87 -25.28 -18.80
CA SER A 65 -4.18 -25.89 -18.58
CA SER A 65 -4.18 -25.85 -18.59
C SER A 65 -4.57 -25.78 -17.11
N PRO A 66 -5.87 -25.78 -16.82
CA PRO A 66 -6.31 -25.69 -15.43
C PRO A 66 -6.00 -26.95 -14.63
N ASP A 67 -5.89 -26.77 -13.33
CA ASP A 67 -5.85 -27.89 -12.42
C ASP A 67 -7.27 -28.46 -12.33
N PRO A 68 -7.47 -29.73 -12.66
CA PRO A 68 -8.84 -30.26 -12.69
C PRO A 68 -9.60 -30.18 -11.37
N ASN A 69 -8.94 -30.48 -10.25
CA ASN A 69 -9.66 -30.51 -8.98
CA ASN A 69 -9.61 -30.51 -8.95
C ASN A 69 -10.08 -29.12 -8.53
N TYR A 70 -9.19 -28.13 -8.61
CA TYR A 70 -9.55 -26.79 -8.16
C TYR A 70 -10.56 -26.17 -9.10
N LEU A 71 -10.39 -26.40 -10.40
CA LEU A 71 -11.41 -25.94 -11.36
C LEU A 71 -12.78 -26.57 -11.07
N ALA A 72 -12.81 -27.87 -10.80
CA ALA A 72 -14.09 -28.52 -10.54
C ALA A 72 -14.83 -27.84 -9.39
N ASP A 73 -14.10 -27.44 -8.34
CA ASP A 73 -14.74 -26.80 -7.20
C ASP A 73 -15.13 -25.35 -7.48
N LEU A 74 -14.36 -24.64 -8.31
CA LEU A 74 -14.82 -23.33 -8.77
C LEU A 74 -16.12 -23.46 -9.56
N ILE A 75 -16.17 -24.41 -10.48
CA ILE A 75 -17.38 -24.63 -11.27
C ILE A 75 -18.57 -24.94 -10.35
N ALA A 76 -18.38 -25.84 -9.37
CA ALA A 76 -19.48 -26.21 -8.49
C ALA A 76 -19.97 -25.01 -7.69
N THR A 77 -19.05 -24.15 -7.22
CA THR A 77 -19.44 -22.99 -6.44
C THR A 77 -20.21 -22.00 -7.30
N VAL A 78 -19.73 -21.73 -8.52
CA VAL A 78 -20.43 -20.83 -9.43
C VAL A 78 -21.83 -21.34 -9.73
N ASN A 79 -21.95 -22.64 -10.00
CA ASN A 79 -23.26 -23.17 -10.36
CA ASN A 79 -23.25 -23.22 -10.33
C ASN A 79 -24.21 -23.12 -9.16
N ALA A 80 -23.70 -23.33 -7.95
CA ALA A 80 -24.57 -23.26 -6.78
C ALA A 80 -25.16 -21.86 -6.64
N ILE A 81 -24.35 -20.82 -6.91
CA ILE A 81 -24.84 -19.46 -6.83
C ILE A 81 -25.82 -19.19 -7.98
N THR A 82 -25.40 -19.46 -9.21
CA THR A 82 -26.17 -18.99 -10.34
C THR A 82 -27.41 -19.83 -10.66
N GLN A 83 -27.42 -21.13 -10.29
CA GLN A 83 -28.61 -21.94 -10.54
CA GLN A 83 -28.60 -21.96 -10.50
C GLN A 83 -29.84 -21.34 -9.89
N LYS A 84 -29.66 -20.64 -8.77
CA LYS A 84 -30.74 -19.98 -8.05
CA LYS A 84 -30.75 -19.97 -8.06
C LYS A 84 -31.12 -18.64 -8.67
N GLY A 85 -30.36 -18.11 -9.62
CA GLY A 85 -30.65 -16.79 -10.15
C GLY A 85 -29.76 -15.65 -9.65
N ALA A 86 -28.85 -15.90 -8.72
CA ALA A 86 -27.95 -14.85 -8.22
C ALA A 86 -26.70 -14.77 -9.12
N TYR A 87 -25.95 -13.67 -8.99
CA TYR A 87 -24.72 -13.48 -9.76
C TYR A 87 -23.50 -13.99 -8.99
N ALA A 88 -22.56 -14.62 -9.71
CA ALA A 88 -21.32 -15.12 -9.12
C ALA A 88 -20.16 -14.36 -9.74
N VAL A 89 -19.37 -13.71 -8.91
CA VAL A 89 -18.17 -12.99 -9.37
C VAL A 89 -16.97 -13.92 -9.26
N VAL A 90 -16.34 -14.20 -10.39
CA VAL A 90 -15.13 -15.02 -10.46
CA VAL A 90 -15.13 -15.02 -10.40
CA VAL A 90 -15.13 -15.02 -10.41
C VAL A 90 -13.93 -14.09 -10.24
N ASP A 91 -13.27 -14.21 -9.08
CA ASP A 91 -12.27 -13.23 -8.62
C ASP A 91 -10.89 -13.89 -8.45
N PRO A 92 -9.97 -13.74 -9.39
CA PRO A 92 -8.59 -14.18 -9.16
C PRO A 92 -7.97 -13.19 -8.20
N HIS A 93 -7.80 -13.64 -6.96
CA HIS A 93 -7.53 -12.78 -5.82
C HIS A 93 -6.01 -12.58 -5.70
N ASN A 94 -5.45 -11.95 -6.74
CA ASN A 94 -4.02 -12.08 -6.99
C ASN A 94 -3.19 -10.80 -6.93
N TYR A 95 -3.79 -9.64 -6.70
CA TYR A 95 -3.02 -8.43 -6.44
C TYR A 95 -2.11 -8.06 -7.62
N GLY A 96 -2.53 -8.43 -8.84
CA GLY A 96 -1.73 -8.12 -10.01
C GLY A 96 -0.45 -8.93 -10.13
N ARG A 97 -0.35 -10.03 -9.35
CA ARG A 97 0.87 -10.83 -9.24
C ARG A 97 0.59 -12.31 -9.40
N TYR A 98 1.57 -13.04 -9.94
CA TYR A 98 1.44 -14.46 -10.21
C TYR A 98 2.76 -15.08 -9.76
N TYR A 99 2.69 -16.07 -8.85
CA TYR A 99 3.87 -16.55 -8.13
C TYR A 99 4.65 -15.38 -7.54
N ASN A 100 3.92 -14.44 -6.95
CA ASN A 100 4.48 -13.32 -6.21
C ASN A 100 5.28 -12.32 -7.03
N SER A 101 5.20 -12.37 -8.35
CA SER A 101 5.83 -11.39 -9.24
CA SER A 101 5.82 -11.39 -9.22
C SER A 101 4.74 -10.69 -10.03
N ILE A 102 4.93 -9.39 -10.26
CA ILE A 102 4.00 -8.60 -11.08
C ILE A 102 3.76 -9.26 -12.43
N ILE A 103 2.50 -9.34 -12.81
CA ILE A 103 2.12 -9.85 -14.13
C ILE A 103 2.50 -8.80 -15.17
N SER A 104 3.59 -9.02 -15.88
CA SER A 104 4.09 -8.00 -16.78
C SER A 104 3.77 -8.28 -18.25
N SER A 105 3.11 -9.41 -18.54
CA SER A 105 2.76 -9.79 -19.91
C SER A 105 1.25 -9.69 -20.10
N PRO A 106 0.75 -8.64 -20.74
CA PRO A 106 -0.69 -8.61 -21.05
C PRO A 106 -1.12 -9.77 -21.94
N SER A 107 -0.27 -10.23 -22.87
CA SER A 107 -0.64 -11.35 -23.71
CA SER A 107 -0.67 -11.35 -23.72
CA SER A 107 -0.64 -11.35 -23.72
C SER A 107 -0.84 -12.62 -22.90
N ASP A 108 0.05 -12.88 -21.94
CA ASP A 108 -0.12 -14.06 -21.10
C ASP A 108 -1.38 -13.97 -20.25
N PHE A 109 -1.67 -12.78 -19.73
CA PHE A 109 -2.87 -12.55 -18.94
C PHE A 109 -4.12 -12.72 -19.77
N GLN A 110 -4.07 -12.28 -21.04
CA GLN A 110 -5.20 -12.48 -21.94
C GLN A 110 -5.47 -13.96 -22.17
N THR A 111 -4.40 -14.77 -22.31
CA THR A 111 -4.59 -16.21 -22.49
C THR A 111 -5.21 -16.84 -21.25
N PHE A 112 -4.72 -16.45 -20.06
CA PHE A 112 -5.34 -16.90 -18.82
C PHE A 112 -6.84 -16.59 -18.83
N TRP A 113 -7.19 -15.37 -19.24
CA TRP A 113 -8.59 -14.99 -19.20
C TRP A 113 -9.43 -15.69 -20.26
N LYS A 114 -8.88 -15.96 -21.45
CA LYS A 114 -9.64 -16.79 -22.37
C LYS A 114 -9.88 -18.19 -21.79
N THR A 115 -8.87 -18.75 -21.14
CA THR A 115 -9.06 -20.06 -20.50
C THR A 115 -10.18 -20.04 -19.47
N VAL A 116 -10.18 -19.04 -18.59
CA VAL A 116 -11.20 -18.98 -17.53
C VAL A 116 -12.56 -18.68 -18.13
N ALA A 117 -12.64 -17.67 -19.02
CA ALA A 117 -13.94 -17.29 -19.53
C ALA A 117 -14.59 -18.43 -20.32
N SER A 118 -13.76 -19.25 -20.99
CA SER A 118 -14.30 -20.37 -21.76
C SER A 118 -15.09 -21.33 -20.90
N GLN A 119 -14.74 -21.45 -19.62
CA GLN A 119 -15.46 -22.33 -18.72
C GLN A 119 -16.84 -21.81 -18.36
N PHE A 120 -17.11 -20.52 -18.58
CA PHE A 120 -18.31 -19.88 -18.08
C PHE A 120 -19.04 -19.09 -19.16
N ALA A 121 -18.64 -19.26 -20.43
CA ALA A 121 -19.06 -18.34 -21.48
C ALA A 121 -20.58 -18.30 -21.70
N SER A 122 -21.28 -19.40 -21.42
CA SER A 122 -22.70 -19.41 -21.68
C SER A 122 -23.53 -18.94 -20.49
N ASN A 123 -22.90 -18.63 -19.35
CA ASN A 123 -23.63 -18.32 -18.13
C ASN A 123 -23.71 -16.81 -17.96
N PRO A 124 -24.87 -16.19 -18.20
CA PRO A 124 -24.95 -14.73 -18.13
C PRO A 124 -24.92 -14.19 -16.70
N LEU A 125 -25.01 -15.05 -15.69
CA LEU A 125 -24.98 -14.63 -14.30
C LEU A 125 -23.57 -14.68 -13.71
N VAL A 126 -22.59 -15.12 -14.47
CA VAL A 126 -21.19 -15.00 -14.05
CA VAL A 126 -21.22 -14.98 -14.00
C VAL A 126 -20.70 -13.59 -14.34
N ILE A 127 -19.95 -13.02 -13.42
CA ILE A 127 -19.27 -11.74 -13.59
C ILE A 127 -17.78 -12.01 -13.48
N PHE A 128 -17.00 -11.51 -14.44
CA PHE A 128 -15.57 -11.75 -14.39
C PHE A 128 -14.89 -10.53 -13.77
N ASP A 129 -13.99 -10.77 -12.83
CA ASP A 129 -13.31 -9.68 -12.12
C ASP A 129 -11.83 -9.81 -12.46
N THR A 130 -11.26 -8.79 -13.12
CA THR A 130 -9.99 -9.02 -13.79
C THR A 130 -8.88 -9.44 -12.81
N ASN A 131 -8.81 -8.79 -11.63
CA ASN A 131 -7.89 -9.29 -10.62
C ASN A 131 -8.19 -8.43 -9.38
N ASN A 132 -8.04 -9.02 -8.20
CA ASN A 132 -8.24 -8.29 -6.96
C ASN A 132 -7.07 -7.38 -6.64
N GLN A 133 -7.35 -6.08 -6.52
CA GLN A 133 -6.46 -5.09 -5.87
CA GLN A 133 -6.45 -5.10 -5.86
C GLN A 133 -5.03 -5.05 -6.45
N TYR A 134 -4.94 -4.65 -7.73
CA TYR A 134 -3.65 -4.22 -8.26
C TYR A 134 -3.05 -3.18 -7.30
N HIS A 135 -1.74 -3.24 -7.10
CA HIS A 135 -1.11 -2.24 -6.24
C HIS A 135 0.37 -2.22 -6.51
N ASP A 136 0.99 -1.08 -6.18
CA ASP A 136 2.43 -0.92 -6.23
C ASP A 136 2.99 -1.51 -7.53
N MET A 137 2.49 -0.99 -8.64
CA MET A 137 2.95 -1.45 -9.94
C MET A 137 2.64 -0.32 -10.94
N ASP A 138 3.13 -0.49 -12.18
CA ASP A 138 3.04 0.57 -13.17
C ASP A 138 1.58 0.87 -13.56
N GLN A 139 1.24 2.16 -13.63
CA GLN A 139 -0.14 2.55 -13.85
C GLN A 139 -0.61 2.19 -15.27
N THR A 140 0.26 2.34 -16.27
CA THR A 140 -0.12 1.96 -17.63
C THR A 140 -0.29 0.45 -17.72
N LEU A 141 0.59 -0.31 -17.06
CA LEU A 141 0.41 -1.76 -16.99
C LEU A 141 -0.94 -2.15 -16.42
N VAL A 142 -1.39 -1.50 -15.35
CA VAL A 142 -2.70 -1.86 -14.79
C VAL A 142 -3.80 -1.66 -15.83
N LEU A 143 -3.75 -0.54 -16.55
CA LEU A 143 -4.72 -0.33 -17.63
C LEU A 143 -4.63 -1.45 -18.66
N ASN A 144 -3.42 -1.78 -19.08
CA ASN A 144 -3.23 -2.76 -20.15
C ASN A 144 -3.64 -4.16 -19.70
N LEU A 145 -3.44 -4.51 -18.41
CA LEU A 145 -3.89 -5.81 -17.92
C LEU A 145 -5.40 -5.89 -17.91
N ASN A 146 -6.08 -4.83 -17.45
CA ASN A 146 -7.54 -4.84 -17.49
C ASN A 146 -8.04 -4.99 -18.93
N GLN A 147 -7.43 -4.28 -19.88
CA GLN A 147 -7.87 -4.38 -21.28
C GLN A 147 -7.61 -5.77 -21.85
N ALA A 148 -6.46 -6.33 -21.52
CA ALA A 148 -6.16 -7.69 -21.97
C ALA A 148 -7.16 -8.69 -21.44
N ALA A 149 -7.56 -8.56 -20.17
CA ALA A 149 -8.57 -9.44 -19.60
C ALA A 149 -9.88 -9.32 -20.35
N ILE A 150 -10.33 -8.09 -20.60
CA ILE A 150 -11.56 -7.88 -21.37
C ILE A 150 -11.45 -8.57 -22.72
N ASP A 151 -10.34 -8.32 -23.43
CA ASP A 151 -10.18 -8.89 -24.78
C ASP A 151 -10.21 -10.41 -24.73
N GLY A 152 -9.58 -11.01 -23.71
CA GLY A 152 -9.59 -12.47 -23.61
C GLY A 152 -10.97 -13.02 -23.31
N ILE A 153 -11.68 -12.39 -22.39
CA ILE A 153 -13.05 -12.79 -22.04
C ILE A 153 -13.96 -12.73 -23.25
N ARG A 154 -13.97 -11.61 -23.96
CA ARG A 154 -14.87 -11.50 -25.10
C ARG A 154 -14.44 -12.43 -26.24
N SER A 155 -13.14 -12.65 -26.41
CA SER A 155 -12.68 -13.60 -27.44
C SER A 155 -13.17 -15.02 -27.21
N ALA A 156 -13.45 -15.39 -25.94
CA ALA A 156 -13.98 -16.72 -25.65
C ALA A 156 -15.46 -16.84 -25.97
N GLY A 157 -16.11 -15.78 -26.43
CA GLY A 157 -17.54 -15.81 -26.61
C GLY A 157 -18.34 -15.52 -25.36
N ALA A 158 -17.68 -15.07 -24.28
CA ALA A 158 -18.36 -14.69 -23.05
C ALA A 158 -18.69 -13.22 -23.24
N THR A 159 -19.82 -12.95 -23.90
CA THR A 159 -20.21 -11.60 -24.28
C THR A 159 -21.39 -11.04 -23.50
N SER A 160 -22.12 -11.87 -22.78
CA SER A 160 -23.28 -11.41 -22.03
C SER A 160 -22.94 -10.89 -20.65
N GLN A 161 -21.76 -11.22 -20.13
CA GLN A 161 -21.42 -11.04 -18.75
C GLN A 161 -20.82 -9.67 -18.48
N TYR A 162 -21.12 -9.11 -17.32
CA TYR A 162 -20.40 -7.94 -16.84
C TYR A 162 -18.96 -8.29 -16.47
N ILE A 163 -18.08 -7.31 -16.67
CA ILE A 163 -16.69 -7.43 -16.29
C ILE A 163 -16.41 -6.36 -15.26
N PHE A 164 -15.95 -6.78 -14.08
CA PHE A 164 -15.52 -5.84 -13.04
C PHE A 164 -14.03 -5.58 -13.26
N VAL A 165 -13.67 -4.30 -13.52
CA VAL A 165 -12.27 -3.92 -13.67
C VAL A 165 -11.84 -3.34 -12.32
N GLU A 166 -10.56 -3.47 -12.00
CA GLU A 166 -10.03 -2.93 -10.75
C GLU A 166 -8.82 -2.07 -11.06
N GLY A 167 -8.65 -1.02 -10.24
CA GLY A 167 -7.56 -0.08 -10.39
C GLY A 167 -6.40 -0.38 -9.46
N ASN A 168 -5.38 0.49 -9.57
CA ASN A 168 -4.19 0.52 -8.74
C ASN A 168 -4.54 1.08 -7.36
N SER A 169 -3.53 1.18 -6.50
CA SER A 169 -3.80 1.62 -5.11
C SER A 169 -4.83 0.74 -4.43
N TRP A 170 -4.71 -0.59 -4.67
CA TRP A 170 -5.56 -1.56 -4.02
C TRP A 170 -7.03 -1.35 -4.38
N THR A 171 -7.26 -0.79 -5.57
CA THR A 171 -8.57 -0.35 -6.07
C THR A 171 -9.42 0.44 -5.04
N GLY A 172 -8.75 1.20 -4.17
CA GLY A 172 -9.47 1.95 -3.15
C GLY A 172 -10.31 3.07 -3.74
N ALA A 173 -11.54 3.22 -3.25
CA ALA A 173 -12.37 4.34 -3.67
C ALA A 173 -11.76 5.66 -3.24
N TRP A 174 -11.23 5.74 -2.02
CA TRP A 174 -10.77 7.02 -1.50
C TRP A 174 -9.53 7.53 -2.22
N THR A 175 -8.78 6.65 -2.88
CA THR A 175 -7.58 7.01 -3.61
C THR A 175 -7.77 7.05 -5.11
N TRP A 176 -8.98 6.76 -5.60
CA TRP A 176 -9.18 6.48 -7.02
C TRP A 176 -8.75 7.67 -7.89
N THR A 177 -9.28 8.86 -7.59
CA THR A 177 -9.01 9.98 -8.50
C THR A 177 -7.55 10.40 -8.46
N ASN A 178 -6.84 10.08 -7.40
CA ASN A 178 -5.45 10.47 -7.34
C ASN A 178 -4.54 9.63 -8.24
N VAL A 179 -4.94 8.40 -8.59
CA VAL A 179 -4.04 7.53 -9.35
C VAL A 179 -4.64 6.87 -10.58
N ASN A 180 -5.96 6.65 -10.60
CA ASN A 180 -6.57 5.75 -11.58
C ASN A 180 -7.30 6.44 -12.73
N ASP A 181 -7.06 7.73 -12.98
CA ASP A 181 -7.78 8.39 -14.06
C ASP A 181 -7.63 7.66 -15.41
N ASN A 182 -6.44 7.10 -15.68
CA ASN A 182 -6.23 6.48 -16.99
C ASN A 182 -7.19 5.32 -17.24
N MET A 183 -7.80 4.76 -16.19
CA MET A 183 -8.72 3.67 -16.38
C MET A 183 -9.99 4.03 -17.13
N LYS A 184 -10.23 5.32 -17.34
CA LYS A 184 -11.41 5.71 -18.11
C LYS A 184 -11.36 5.21 -19.55
N SER A 185 -10.19 4.86 -20.08
CA SER A 185 -10.10 4.57 -21.50
CA SER A 185 -10.06 4.55 -21.50
C SER A 185 -10.37 3.11 -21.86
N LEU A 186 -10.70 2.26 -20.88
CA LEU A 186 -10.98 0.86 -21.16
C LEU A 186 -12.17 0.75 -22.10
N THR A 187 -12.08 -0.20 -23.03
CA THR A 187 -13.11 -0.44 -24.04
C THR A 187 -13.66 -1.86 -23.90
N ASP A 188 -14.93 -2.02 -24.25
CA ASP A 188 -15.55 -3.34 -24.21
C ASP A 188 -16.65 -3.37 -25.26
N PRO A 189 -16.57 -4.27 -26.26
CA PRO A 189 -17.63 -4.30 -27.27
C PRO A 189 -19.01 -4.63 -26.71
N SER A 190 -19.09 -5.28 -25.55
CA SER A 190 -20.38 -5.54 -24.94
C SER A 190 -20.89 -4.40 -24.09
N ASP A 191 -20.07 -3.38 -23.85
CA ASP A 191 -20.46 -2.21 -23.05
C ASP A 191 -20.96 -2.63 -21.66
N LYS A 192 -20.18 -3.48 -21.00
CA LYS A 192 -20.58 -4.00 -19.68
CA LYS A 192 -20.57 -4.02 -19.69
C LYS A 192 -19.41 -3.95 -18.70
N ILE A 193 -18.59 -2.89 -18.76
CA ILE A 193 -17.56 -2.67 -17.76
C ILE A 193 -18.18 -2.00 -16.53
N ILE A 194 -17.85 -2.53 -15.35
CA ILE A 194 -18.17 -1.89 -14.07
C ILE A 194 -16.85 -1.68 -13.35
N TYR A 195 -16.65 -0.46 -12.83
CA TYR A 195 -15.43 -0.14 -12.10
C TYR A 195 -15.61 -0.55 -10.64
N GLU A 196 -14.88 -1.57 -10.22
CA GLU A 196 -14.98 -2.08 -8.87
C GLU A 196 -13.94 -1.40 -7.99
N MET A 197 -14.43 -0.83 -6.90
CA MET A 197 -13.60 -0.15 -5.93
C MET A 197 -13.88 -0.74 -4.56
N HIS A 198 -12.91 -0.66 -3.68
CA HIS A 198 -13.06 -1.22 -2.34
C HIS A 198 -12.92 -0.10 -1.32
N GLN A 199 -13.52 -0.27 -0.15
CA GLN A 199 -13.45 0.80 0.86
C GLN A 199 -13.66 0.29 2.26
N PHE A 200 -12.68 0.54 3.12
CA PHE A 200 -12.84 0.27 4.54
C PHE A 200 -12.87 1.60 5.31
N LEU A 201 -13.19 1.47 6.60
CA LEU A 201 -13.62 2.59 7.43
C LEU A 201 -12.68 2.81 8.61
N ASP A 202 -11.65 1.99 8.77
CA ASP A 202 -10.67 2.18 9.83
C ASP A 202 -9.65 3.23 9.42
N SER A 203 -8.80 3.65 10.37
CA SER A 203 -7.98 4.84 10.15
CA SER A 203 -7.98 4.84 10.16
C SER A 203 -7.18 4.76 8.86
N ASP A 204 -6.44 3.66 8.66
CA ASP A 204 -5.59 3.55 7.48
C ASP A 204 -6.26 2.89 6.29
N GLY A 205 -7.55 2.59 6.39
CA GLY A 205 -8.25 1.96 5.29
C GLY A 205 -7.89 0.52 5.00
N SER A 206 -7.16 -0.15 5.90
CA SER A 206 -6.73 -1.51 5.65
C SER A 206 -7.82 -2.55 5.90
N GLY A 207 -8.91 -2.19 6.56
CA GLY A 207 -9.89 -3.22 6.90
C GLY A 207 -9.38 -4.26 7.87
N THR A 208 -8.57 -3.87 8.82
CA THR A 208 -8.06 -4.82 9.81
C THR A 208 -8.44 -4.46 11.24
N SER A 209 -9.17 -3.37 11.45
CA SER A 209 -9.66 -3.00 12.77
C SER A 209 -11.17 -2.86 12.75
N ALA A 210 -11.82 -3.24 13.85
CA ALA A 210 -13.25 -3.04 14.00
C ALA A 210 -13.63 -1.60 14.31
N THR A 211 -12.66 -0.74 14.62
CA THR A 211 -12.94 0.66 14.94
C THR A 211 -13.03 1.49 13.66
N CYS A 212 -14.10 2.27 13.53
CA CYS A 212 -14.24 3.18 12.39
C CYS A 212 -13.84 4.60 12.80
N VAL A 213 -13.27 5.35 11.85
CA VAL A 213 -12.79 6.71 12.16
C VAL A 213 -13.90 7.57 12.76
N SER A 214 -15.09 7.53 12.17
CA SER A 214 -16.20 8.37 12.56
C SER A 214 -17.47 7.81 11.93
N SER A 215 -18.61 8.39 12.32
CA SER A 215 -19.89 7.94 11.84
C SER A 215 -20.17 8.34 10.38
N THR A 216 -19.29 9.16 9.77
CA THR A 216 -19.46 9.60 8.38
C THR A 216 -18.31 9.20 7.46
N ILE A 217 -17.36 8.41 7.95
CA ILE A 217 -16.13 8.21 7.19
C ILE A 217 -16.35 7.46 5.88
N GLY A 218 -17.35 6.58 5.81
CA GLY A 218 -17.57 5.82 4.58
C GLY A 218 -18.10 6.69 3.46
N GLN A 219 -19.16 7.45 3.76
CA GLN A 219 -19.71 8.37 2.79
C GLN A 219 -18.65 9.40 2.37
N GLU A 220 -17.80 9.83 3.31
CA GLU A 220 -16.74 10.77 2.93
C GLU A 220 -15.75 10.18 1.94
N ARG A 221 -15.37 8.92 2.15
CA ARG A 221 -14.32 8.28 1.39
C ARG A 221 -14.73 7.88 -0.02
N ILE A 222 -16.02 7.99 -0.35
CA ILE A 222 -16.48 7.62 -1.69
C ILE A 222 -16.99 8.80 -2.51
N THR A 223 -16.95 10.03 -1.98
CA THR A 223 -17.51 11.15 -2.73
CA THR A 223 -17.49 11.18 -2.71
C THR A 223 -16.73 11.47 -4.00
N SER A 224 -15.39 11.51 -3.92
CA SER A 224 -14.68 11.90 -5.14
CA SER A 224 -14.59 11.85 -5.10
CA SER A 224 -14.59 11.84 -5.10
C SER A 224 -14.73 10.79 -6.19
N ALA A 225 -14.79 9.51 -5.79
CA ALA A 225 -14.97 8.42 -6.74
C ALA A 225 -16.32 8.54 -7.43
N THR A 226 -17.36 8.90 -6.67
CA THR A 226 -18.69 9.06 -7.25
C THR A 226 -18.67 10.12 -8.34
N GLN A 227 -18.04 11.27 -8.05
CA GLN A 227 -17.95 12.34 -9.03
CA GLN A 227 -17.96 12.34 -9.03
C GLN A 227 -17.14 11.92 -10.25
N TRP A 228 -16.08 11.14 -10.06
CA TRP A 228 -15.26 10.68 -11.18
C TRP A 228 -16.07 9.77 -12.10
N LEU A 229 -16.82 8.84 -11.51
CA LEU A 229 -17.63 7.95 -12.34
C LEU A 229 -18.64 8.75 -13.14
N ARG A 230 -19.26 9.75 -12.50
CA ARG A 230 -20.30 10.51 -13.18
C ARG A 230 -19.70 11.35 -14.29
N ALA A 231 -18.57 12.01 -14.01
CA ALA A 231 -17.93 12.86 -15.02
C ALA A 231 -17.50 12.07 -16.23
N ASN A 232 -17.10 10.83 -16.04
CA ASN A 232 -16.57 10.03 -17.11
C ASN A 232 -17.58 9.06 -17.70
N GLY A 233 -18.83 9.15 -17.26
CA GLY A 233 -19.90 8.33 -17.80
C GLY A 233 -19.76 6.86 -17.50
N LYS A 234 -19.22 6.50 -16.32
CA LYS A 234 -18.96 5.12 -15.96
C LYS A 234 -19.90 4.66 -14.86
N LYS A 235 -19.93 3.34 -14.64
CA LYS A 235 -20.65 2.72 -13.55
CA LYS A 235 -20.65 2.74 -13.53
C LYS A 235 -19.64 2.06 -12.63
N GLY A 236 -19.95 2.05 -11.32
CA GLY A 236 -19.07 1.44 -10.34
C GLY A 236 -19.81 0.46 -9.44
N ILE A 237 -19.02 -0.30 -8.67
CA ILE A 237 -19.55 -1.14 -7.59
C ILE A 237 -18.52 -1.09 -6.47
N ILE A 238 -18.98 -1.16 -5.21
CA ILE A 238 -18.09 -1.39 -4.09
C ILE A 238 -17.98 -2.89 -3.92
N GLY A 239 -16.83 -3.46 -4.24
CA GLY A 239 -16.71 -4.92 -4.24
C GLY A 239 -16.22 -5.53 -2.95
N GLU A 240 -15.78 -4.69 -2.01
CA GLU A 240 -15.24 -5.12 -0.71
C GLU A 240 -15.40 -3.96 0.25
N PHE A 241 -16.17 -4.15 1.32
CA PHE A 241 -16.32 -3.15 2.37
C PHE A 241 -16.76 -3.85 3.64
N ALA A 242 -16.48 -3.21 4.78
CA ALA A 242 -16.92 -3.75 6.07
C ALA A 242 -16.72 -2.64 7.10
N GLY A 243 -17.33 -2.86 8.27
CA GLY A 243 -17.06 -2.12 9.50
C GLY A 243 -17.35 -3.04 10.66
N GLY A 244 -16.83 -2.66 11.83
CA GLY A 244 -17.04 -3.45 13.02
C GLY A 244 -18.46 -3.39 13.53
N ALA A 245 -18.78 -4.34 14.40
CA ALA A 245 -20.12 -4.47 14.98
C ALA A 245 -20.20 -3.56 16.21
N ASN A 246 -20.34 -2.26 15.95
CA ASN A 246 -20.45 -1.23 16.96
C ASN A 246 -21.24 -0.06 16.37
N ASP A 247 -21.68 0.84 17.25
CA ASP A 247 -22.61 1.87 16.82
C ASP A 247 -21.99 2.83 15.81
N VAL A 248 -20.73 3.27 16.05
CA VAL A 248 -20.11 4.20 15.10
C VAL A 248 -20.02 3.60 13.71
N CYS A 249 -19.53 2.35 13.61
CA CYS A 249 -19.37 1.72 12.31
C CYS A 249 -20.72 1.44 11.67
N GLU A 250 -21.70 1.01 12.46
CA GLU A 250 -23.03 0.78 11.91
C GLU A 250 -23.62 2.03 11.29
N THR A 251 -23.44 3.16 11.96
CA THR A 251 -23.86 4.44 11.39
C THR A 251 -23.06 4.79 10.13
N ALA A 252 -21.76 4.54 10.14
CA ALA A 252 -20.96 4.86 8.96
C ALA A 252 -21.38 4.00 7.77
N ILE A 253 -21.68 2.73 8.01
CA ILE A 253 -22.12 1.82 6.97
C ILE A 253 -23.43 2.29 6.36
N THR A 254 -24.42 2.60 7.20
CA THR A 254 -25.71 3.10 6.73
CA THR A 254 -25.67 3.05 6.62
C THR A 254 -25.55 4.42 5.96
N GLY A 255 -24.72 5.34 6.50
CA GLY A 255 -24.56 6.61 5.81
C GLY A 255 -23.89 6.45 4.44
N MET A 256 -22.88 5.59 4.35
CA MET A 256 -22.31 5.26 3.05
C MET A 256 -23.35 4.71 2.06
N LEU A 257 -24.07 3.68 2.48
CA LEU A 257 -25.04 3.05 1.57
C LEU A 257 -26.19 4.00 1.23
N ASP A 258 -26.59 4.87 2.17
CA ASP A 258 -27.64 5.85 1.87
C ASP A 258 -27.15 6.84 0.81
N TYR A 259 -25.88 7.23 0.90
CA TYR A 259 -25.30 8.10 -0.12
C TYR A 259 -25.28 7.39 -1.48
N MET A 260 -24.80 6.13 -1.51
CA MET A 260 -24.78 5.38 -2.77
C MET A 260 -26.19 5.27 -3.34
N ALA A 261 -27.19 5.09 -2.46
CA ALA A 261 -28.57 4.94 -2.91
C ALA A 261 -29.13 6.20 -3.59
N GLN A 262 -28.59 7.38 -3.28
CA GLN A 262 -28.98 8.60 -3.98
CA GLN A 262 -28.97 8.61 -3.96
C GLN A 262 -28.08 8.90 -5.16
N ASN A 263 -27.22 7.96 -5.53
CA ASN A 263 -26.28 8.14 -6.62
C ASN A 263 -26.21 6.86 -7.44
N THR A 264 -27.38 6.25 -7.68
CA THR A 264 -27.44 5.00 -8.43
C THR A 264 -27.26 5.23 -9.93
N ASP A 265 -27.24 6.48 -10.41
CA ASP A 265 -26.80 6.70 -11.79
C ASP A 265 -25.39 6.18 -11.99
N VAL A 266 -24.57 6.14 -10.93
CA VAL A 266 -23.24 5.58 -11.04
C VAL A 266 -23.03 4.32 -10.20
N TRP A 267 -23.66 4.19 -9.02
CA TRP A 267 -23.40 3.04 -8.17
C TRP A 267 -24.37 1.90 -8.43
N THR A 268 -23.83 0.73 -8.75
CA THR A 268 -24.62 -0.48 -9.00
C THR A 268 -24.81 -1.30 -7.75
N GLY A 269 -24.11 -1.00 -6.66
CA GLY A 269 -24.32 -1.75 -5.45
C GLY A 269 -23.03 -1.97 -4.67
N ALA A 270 -23.07 -3.00 -3.82
CA ALA A 270 -22.01 -3.21 -2.85
C ALA A 270 -21.95 -4.66 -2.42
N ILE A 271 -20.75 -5.08 -2.01
CA ILE A 271 -20.48 -6.47 -1.68
C ILE A 271 -19.67 -6.50 -0.38
N TRP A 272 -20.26 -7.05 0.67
CA TRP A 272 -19.64 -7.09 2.00
C TRP A 272 -18.43 -8.01 2.02
N TRP A 273 -17.41 -7.66 2.81
CA TRP A 273 -16.28 -8.54 3.09
C TRP A 273 -16.37 -8.94 4.56
N ALA A 274 -16.65 -10.22 4.88
CA ALA A 274 -16.81 -11.37 3.95
C ALA A 274 -17.55 -12.46 4.71
N ALA A 275 -18.19 -13.34 3.95
CA ALA A 275 -18.63 -14.64 4.41
C ALA A 275 -17.62 -15.69 3.98
N GLY A 276 -17.95 -16.94 4.26
CA GLY A 276 -17.06 -18.06 4.01
C GLY A 276 -16.95 -18.91 5.24
N PRO A 277 -16.50 -20.16 5.10
CA PRO A 277 -16.67 -21.14 6.19
C PRO A 277 -15.55 -21.20 7.20
N TRP A 278 -14.45 -20.48 6.98
CA TRP A 278 -13.28 -20.59 7.83
C TRP A 278 -12.94 -19.27 8.52
N TRP A 279 -13.95 -18.43 8.79
CA TRP A 279 -13.67 -17.17 9.45
C TRP A 279 -13.78 -17.21 10.97
N GLY A 280 -14.53 -18.16 11.54
CA GLY A 280 -14.63 -18.24 13.00
C GLY A 280 -15.10 -16.91 13.57
N ASP A 281 -14.35 -16.43 14.57
CA ASP A 281 -14.67 -15.19 15.29
C ASP A 281 -14.21 -13.91 14.56
N TYR A 282 -13.90 -13.97 13.24
CA TYR A 282 -13.50 -12.79 12.49
C TYR A 282 -14.46 -11.64 12.74
N ILE A 283 -13.87 -10.46 12.92
CA ILE A 283 -14.65 -9.24 13.20
C ILE A 283 -15.66 -8.88 12.12
N PHE A 284 -15.49 -9.33 10.87
CA PHE A 284 -16.37 -8.97 9.76
C PHE A 284 -17.16 -10.16 9.22
N SER A 285 -17.23 -11.28 9.95
CA SER A 285 -17.77 -12.49 9.32
C SER A 285 -19.27 -12.38 9.10
N MET A 286 -19.67 -12.50 7.83
CA MET A 286 -21.05 -12.54 7.40
C MET A 286 -21.56 -13.98 7.26
N GLU A 287 -20.79 -14.98 7.71
CA GLU A 287 -21.19 -16.38 7.54
C GLU A 287 -22.35 -16.78 8.45
N PRO A 288 -23.50 -17.18 7.90
CA PRO A 288 -24.54 -17.74 8.78
CA PRO A 288 -24.55 -17.76 8.75
C PRO A 288 -24.06 -19.04 9.43
N ASP A 289 -24.63 -19.34 10.61
CA ASP A 289 -25.59 -18.53 11.34
C ASP A 289 -24.97 -17.69 12.46
N ASN A 290 -23.66 -17.79 12.69
CA ASN A 290 -23.04 -17.25 13.90
C ASN A 290 -21.96 -16.20 13.66
N GLY A 291 -21.63 -15.85 12.42
CA GLY A 291 -20.67 -14.77 12.21
C GLY A 291 -21.15 -13.47 12.82
N ILE A 292 -20.20 -12.69 13.35
CA ILE A 292 -20.59 -11.48 14.09
C ILE A 292 -21.30 -10.47 13.19
N ALA A 293 -20.86 -10.34 11.93
CA ALA A 293 -21.56 -9.43 11.02
C ALA A 293 -22.90 -9.99 10.59
N TYR A 294 -22.99 -11.31 10.42
CA TYR A 294 -24.28 -11.92 10.13
C TYR A 294 -25.30 -11.60 11.24
N GLN A 295 -24.87 -11.69 12.50
CA GLN A 295 -25.78 -11.44 13.62
C GLN A 295 -26.05 -9.94 13.80
N GLN A 296 -25.00 -9.11 13.76
CA GLN A 296 -25.13 -7.74 14.23
C GLN A 296 -25.18 -6.69 13.12
N ILE A 297 -24.63 -6.98 11.94
CA ILE A 297 -24.63 -6.04 10.82
C ILE A 297 -25.75 -6.31 9.84
N LEU A 298 -25.99 -7.59 9.51
CA LEU A 298 -27.05 -7.90 8.55
C LEU A 298 -28.38 -7.21 8.86
N PRO A 299 -28.82 -7.10 10.12
CA PRO A 299 -30.07 -6.35 10.39
C PRO A 299 -30.08 -4.91 9.87
N ILE A 300 -28.94 -4.22 9.88
CA ILE A 300 -28.89 -2.85 9.37
C ILE A 300 -28.85 -2.80 7.85
N LEU A 301 -28.55 -3.93 7.19
CA LEU A 301 -28.48 -3.97 5.73
C LEU A 301 -29.80 -4.38 5.09
N THR A 302 -30.70 -4.99 5.86
CA THR A 302 -31.99 -5.42 5.29
C THR A 302 -32.74 -4.32 4.52
N PRO A 303 -32.65 -3.04 4.91
CA PRO A 303 -33.29 -1.98 4.10
C PRO A 303 -32.84 -1.93 2.64
N TYR A 304 -31.66 -2.42 2.31
CA TYR A 304 -31.16 -2.41 0.94
C TYR A 304 -31.45 -3.72 0.21
N LEU A 305 -32.11 -4.67 0.85
CA LEU A 305 -32.35 -5.96 0.21
C LEU A 305 -33.79 -6.11 -0.23
N ALA B 1 37.88 0.68 7.44
CA ALA B 1 37.26 0.25 8.69
C ALA B 1 35.76 0.05 8.49
N LYS B 2 35.03 1.14 8.26
CA LYS B 2 33.62 1.02 7.97
C LYS B 2 33.43 0.42 6.57
N VAL B 3 32.29 -0.23 6.38
CA VAL B 3 31.99 -0.89 5.10
C VAL B 3 31.25 0.04 4.15
N PHE B 4 30.38 0.87 4.67
CA PHE B 4 29.52 1.73 3.87
C PHE B 4 29.89 3.19 4.08
N GLN B 5 29.51 4.02 3.11
CA GLN B 5 29.64 5.47 3.27
C GLN B 5 28.91 5.95 4.52
N TRP B 6 27.68 5.46 4.73
CA TRP B 6 26.83 5.90 5.82
C TRP B 6 26.19 4.69 6.49
N PHE B 7 26.15 4.70 7.82
CA PHE B 7 25.40 3.69 8.55
C PHE B 7 24.98 4.29 9.88
N GLY B 8 23.68 4.20 10.16
CA GLY B 8 23.23 4.88 11.36
C GLY B 8 21.80 4.60 11.72
N SER B 9 21.11 5.59 12.29
CA SER B 9 19.78 5.34 12.83
CA SER B 9 19.77 5.33 12.80
C SER B 9 18.88 6.55 12.63
N ASN B 10 17.59 6.28 12.46
CA ASN B 10 16.58 7.32 12.62
C ASN B 10 16.49 7.72 14.08
N GLU B 11 16.20 8.99 14.31
CA GLU B 11 16.05 9.58 15.64
C GLU B 11 14.66 10.20 15.64
N SER B 12 13.69 9.39 16.00
CA SER B 12 12.27 9.68 15.85
C SER B 12 11.70 10.26 17.14
N GLY B 13 10.72 11.14 16.97
CA GLY B 13 10.03 11.74 18.10
C GLY B 13 9.41 13.09 17.78
N ALA B 14 10.05 13.91 16.92
CA ALA B 14 9.57 15.26 16.70
C ALA B 14 8.35 15.26 15.82
N GLU B 15 8.11 14.11 15.14
CA GLU B 15 6.93 13.92 14.32
C GLU B 15 5.82 13.16 15.02
N PHE B 16 6.02 12.82 16.31
CA PHE B 16 5.02 12.00 17.00
C PHE B 16 3.72 12.78 17.17
N GLY B 17 2.63 12.05 17.38
CA GLY B 17 1.38 12.69 17.77
C GLY B 17 0.87 13.65 16.72
N SER B 18 0.98 13.25 15.46
CA SER B 18 0.70 14.15 14.35
CA SER B 18 0.67 14.04 14.27
C SER B 18 -0.78 14.49 14.18
N GLN B 19 -1.68 13.85 14.92
CA GLN B 19 -3.06 14.30 14.88
C GLN B 19 -3.23 15.63 15.59
N ASN B 20 -2.21 16.08 16.34
CA ASN B 20 -2.25 17.33 17.08
C ASN B 20 -1.25 18.29 16.44
N LEU B 21 -1.76 19.27 15.71
CA LEU B 21 -0.94 20.27 15.03
C LEU B 21 -1.42 21.64 15.45
N PRO B 22 -0.56 22.52 16.01
CA PRO B 22 0.87 22.30 16.20
C PRO B 22 1.23 21.25 17.24
N GLY B 23 0.35 20.98 18.20
CA GLY B 23 0.72 20.08 19.27
C GLY B 23 1.64 20.77 20.25
N VAL B 24 2.02 20.04 21.30
CA VAL B 24 2.75 20.62 22.41
C VAL B 24 4.02 19.80 22.66
N GLU B 25 5.18 20.45 22.57
CA GLU B 25 6.43 19.78 22.87
C GLU B 25 6.41 19.25 24.29
N GLY B 26 6.89 18.02 24.47
CA GLY B 26 6.87 17.34 25.76
C GLY B 26 5.58 16.63 26.05
N LYS B 27 4.54 16.84 25.24
CA LYS B 27 3.28 16.12 25.39
CA LYS B 27 3.27 16.13 25.39
CA LYS B 27 3.27 16.13 25.39
C LYS B 27 2.97 15.29 24.15
N ASP B 28 2.89 15.93 22.98
CA ASP B 28 2.61 15.22 21.74
C ASP B 28 3.87 14.73 21.04
N TYR B 29 5.00 15.39 21.24
CA TYR B 29 6.23 15.11 20.50
C TYR B 29 7.42 15.53 21.34
N ILE B 30 8.60 15.03 20.97
CA ILE B 30 9.85 15.33 21.68
C ILE B 30 10.99 15.25 20.68
N TRP B 31 12.06 16.00 20.91
CA TRP B 31 13.22 15.94 20.04
C TRP B 31 14.25 14.92 20.57
N PRO B 32 15.14 14.45 19.71
CA PRO B 32 16.11 13.43 20.13
C PRO B 32 17.02 13.90 21.26
N ASP B 33 17.52 12.93 22.04
CA ASP B 33 18.45 13.17 23.13
C ASP B 33 19.87 13.22 22.57
N PRO B 34 20.55 14.36 22.59
CA PRO B 34 21.92 14.41 22.07
C PRO B 34 22.87 13.46 22.78
N ASN B 35 22.64 13.16 24.05
CA ASN B 35 23.54 12.27 24.79
CA ASN B 35 23.53 12.27 24.78
C ASN B 35 23.46 10.84 24.28
N THR B 36 22.25 10.37 23.94
CA THR B 36 22.16 9.02 23.40
C THR B 36 22.63 8.94 21.95
N ILE B 37 22.46 10.01 21.17
CA ILE B 37 23.09 10.07 19.87
C ILE B 37 24.60 9.94 20.02
N ASP B 38 25.17 10.59 21.05
CA ASP B 38 26.60 10.47 21.28
C ASP B 38 27.00 9.01 21.48
N THR B 39 26.20 8.25 22.25
CA THR B 39 26.49 6.83 22.44
C THR B 39 26.49 6.07 21.11
N LEU B 40 25.51 6.34 20.25
CA LEU B 40 25.50 5.67 18.95
C LEU B 40 26.70 6.05 18.09
N ILE B 41 27.15 7.31 18.19
CA ILE B 41 28.35 7.73 17.46
C ILE B 41 29.57 6.97 17.97
N SER B 42 29.66 6.77 19.29
CA SER B 42 30.78 6.01 19.84
CA SER B 42 30.78 6.01 19.85
C SER B 42 30.78 4.57 19.35
N LYS B 43 29.63 4.03 18.99
CA LYS B 43 29.54 2.66 18.49
C LYS B 43 29.85 2.57 17.00
N GLY B 44 30.03 3.70 16.33
CA GLY B 44 30.46 3.75 14.96
C GLY B 44 29.44 4.29 13.97
N MET B 45 28.24 4.66 14.41
CA MET B 45 27.23 5.20 13.50
C MET B 45 27.60 6.63 13.11
N ASN B 46 27.36 6.97 11.85
CA ASN B 46 27.80 8.26 11.31
C ASN B 46 26.70 9.00 10.57
N ILE B 47 25.45 8.59 10.72
CA ILE B 47 24.32 9.29 10.08
C ILE B 47 23.10 9.14 10.98
N PHE B 48 22.36 10.24 11.14
CA PHE B 48 21.18 10.25 11.99
C PHE B 48 20.08 10.96 11.24
N ARG B 49 18.95 10.29 11.03
CA ARG B 49 17.84 10.87 10.28
C ARG B 49 16.81 11.40 11.26
N VAL B 50 16.41 12.64 11.08
CA VAL B 50 15.57 13.36 12.05
C VAL B 50 14.21 13.69 11.43
N PRO B 51 13.20 12.84 11.64
CA PRO B 51 11.84 13.17 11.21
C PRO B 51 11.30 14.40 11.93
N PHE B 52 10.49 15.15 11.22
CA PHE B 52 9.74 16.27 11.80
C PHE B 52 8.50 16.48 10.95
N MET B 53 7.52 17.25 11.44
CA MET B 53 6.32 17.56 10.64
CA MET B 53 6.33 17.56 10.65
C MET B 53 6.48 18.89 9.92
N MET B 54 6.21 18.89 8.61
CA MET B 54 6.18 20.14 7.86
C MET B 54 5.30 21.17 8.52
N GLU B 55 4.13 20.76 8.99
CA GLU B 55 3.15 21.71 9.53
C GLU B 55 3.61 22.33 10.84
N ARG B 56 4.47 21.66 11.58
CA ARG B 56 5.02 22.24 12.80
C ARG B 56 6.18 23.15 12.49
N LEU B 57 6.94 22.87 11.42
CA LEU B 57 8.07 23.73 11.08
C LEU B 57 7.60 24.97 10.33
N VAL B 58 6.63 24.84 9.46
CA VAL B 58 6.14 25.93 8.62
C VAL B 58 4.62 25.84 8.66
N PRO B 59 3.98 26.47 9.63
CA PRO B 59 2.54 26.25 9.83
C PRO B 59 1.67 26.91 8.77
N ASN B 60 0.48 26.31 8.57
CA ASN B 60 -0.61 26.82 7.74
C ASN B 60 -0.38 26.77 6.24
N SER B 61 0.61 27.51 5.74
CA SER B 61 1.01 27.50 4.34
C SER B 61 2.48 27.15 4.29
N MET B 62 2.83 26.19 3.41
CA MET B 62 4.22 25.79 3.35
C MET B 62 5.10 26.84 2.69
N THR B 63 4.52 27.92 2.15
CA THR B 63 5.29 29.04 1.62
C THR B 63 5.52 30.13 2.65
N GLY B 64 5.09 29.94 3.89
CA GLY B 64 5.18 30.97 4.91
C GLY B 64 6.47 30.89 5.70
N SER B 65 6.47 31.64 6.81
CA SER B 65 7.67 31.66 7.63
CA SER B 65 7.64 31.70 7.67
C SER B 65 7.69 30.48 8.59
N PRO B 66 8.87 30.04 8.99
CA PRO B 66 8.95 28.94 9.96
C PRO B 66 8.47 29.35 11.33
N ASP B 67 8.11 28.35 12.12
CA ASP B 67 7.80 28.55 13.52
C ASP B 67 9.11 28.64 14.29
N PRO B 68 9.44 29.77 14.92
CA PRO B 68 10.78 29.89 15.50
C PRO B 68 11.10 28.83 16.56
N ASN B 69 10.13 28.45 17.40
CA ASN B 69 10.46 27.54 18.49
C ASN B 69 10.69 26.10 18.01
N TYR B 70 9.87 25.61 17.09
CA TYR B 70 10.10 24.27 16.57
C TYR B 70 11.36 24.26 15.71
N LEU B 71 11.57 25.33 14.90
CA LEU B 71 12.80 25.45 14.14
C LEU B 71 14.01 25.43 15.05
N ALA B 72 13.94 26.15 16.18
CA ALA B 72 15.09 26.17 17.08
C ALA B 72 15.50 24.78 17.50
N ASP B 73 14.53 23.91 17.79
CA ASP B 73 14.85 22.56 18.21
C ASP B 73 15.36 21.71 17.04
N LEU B 74 14.85 21.92 15.84
CA LEU B 74 15.41 21.22 14.69
C LEU B 74 16.86 21.60 14.49
N ILE B 75 17.15 22.91 14.54
CA ILE B 75 18.52 23.39 14.37
C ILE B 75 19.42 22.83 15.46
N ALA B 76 18.95 22.87 16.71
CA ALA B 76 19.77 22.35 17.80
C ALA B 76 20.10 20.88 17.60
N THR B 77 19.09 20.08 17.23
CA THR B 77 19.33 18.64 17.01
C THR B 77 20.31 18.40 15.87
N VAL B 78 20.10 19.08 14.74
CA VAL B 78 20.91 18.89 13.56
C VAL B 78 22.35 19.29 13.84
N ASN B 79 22.53 20.46 14.45
CA ASN B 79 23.88 20.97 14.57
C ASN B 79 24.65 20.22 15.64
N ALA B 80 23.95 19.66 16.64
CA ALA B 80 24.65 18.80 17.60
C ALA B 80 25.17 17.52 16.94
N ILE B 81 24.41 16.94 16.00
CA ILE B 81 24.89 15.79 15.23
C ILE B 81 26.11 16.18 14.41
N THR B 82 26.00 17.32 13.67
CA THR B 82 27.09 17.64 12.75
C THR B 82 28.33 18.14 13.49
N GLN B 83 28.13 18.75 14.68
CA GLN B 83 29.30 19.15 15.47
C GLN B 83 30.16 17.96 15.85
N LYS B 84 29.54 16.78 15.94
CA LYS B 84 30.26 15.55 16.27
C LYS B 84 30.86 14.89 15.04
N GLY B 85 30.63 15.45 13.85
CA GLY B 85 31.16 14.97 12.58
C GLY B 85 30.29 13.98 11.85
N ALA B 86 29.09 13.71 12.36
CA ALA B 86 28.14 12.82 11.73
C ALA B 86 27.21 13.61 10.82
N TYR B 87 26.64 12.92 9.84
CA TYR B 87 25.65 13.50 8.95
C TYR B 87 24.28 13.52 9.62
N ALA B 88 23.51 14.58 9.37
CA ALA B 88 22.15 14.74 9.90
C ALA B 88 21.18 14.88 8.75
N VAL B 89 20.22 13.96 8.64
CA VAL B 89 19.22 14.00 7.57
C VAL B 89 18.00 14.76 8.07
N VAL B 90 17.62 15.79 7.35
CA VAL B 90 16.47 16.62 7.67
C VAL B 90 15.28 16.01 6.91
N ASP B 91 14.35 15.39 7.63
CA ASP B 91 13.29 14.57 7.04
C ASP B 91 11.90 15.10 7.34
N PRO B 92 11.24 15.82 6.43
CA PRO B 92 9.84 16.18 6.61
C PRO B 92 9.04 14.89 6.42
N HIS B 93 8.52 14.38 7.52
CA HIS B 93 7.99 13.02 7.62
C HIS B 93 6.52 13.04 7.22
N ASN B 94 6.29 13.43 5.96
CA ASN B 94 4.96 13.90 5.58
C ASN B 94 4.19 13.11 4.53
N TYR B 95 4.78 12.06 3.94
CA TYR B 95 4.00 11.16 3.07
C TYR B 95 3.45 11.86 1.83
N GLY B 96 4.13 12.93 1.39
CA GLY B 96 3.66 13.66 0.23
C GLY B 96 2.45 14.52 0.49
N ARG B 97 2.11 14.75 1.77
CA ARG B 97 0.86 15.41 2.18
C ARG B 97 1.14 16.49 3.22
N TYR B 98 0.25 17.50 3.23
CA TYR B 98 0.40 18.64 4.11
C TYR B 98 -1.00 18.91 4.62
N TYR B 99 -1.17 18.90 5.95
CA TYR B 99 -2.52 18.80 6.59
C TYR B 99 -3.36 17.67 5.97
N ASN B 100 -2.68 16.55 5.68
CA ASN B 100 -3.26 15.31 5.17
CA ASN B 100 -3.31 15.31 5.20
C ASN B 100 -3.89 15.44 3.79
N SER B 101 -3.50 16.48 3.03
CA SER B 101 -3.88 16.62 1.62
CA SER B 101 -3.88 16.62 1.63
C SER B 101 -2.63 16.54 0.76
N ILE B 102 -2.75 15.81 -0.36
CA ILE B 102 -1.62 15.66 -1.28
C ILE B 102 -1.04 17.02 -1.64
N ILE B 103 0.28 17.13 -1.59
CA ILE B 103 0.98 18.33 -2.04
C ILE B 103 0.95 18.37 -3.55
N SER B 104 0.08 19.19 -4.12
CA SER B 104 -0.13 19.20 -5.56
C SER B 104 0.55 20.36 -6.25
N SER B 105 1.23 21.23 -5.51
CA SER B 105 1.88 22.42 -6.08
C SER B 105 3.39 22.29 -5.96
N PRO B 106 4.10 21.91 -7.04
CA PRO B 106 5.56 21.89 -6.98
C PRO B 106 6.13 23.26 -6.62
N SER B 107 5.52 24.35 -7.10
CA SER B 107 6.04 25.68 -6.78
CA SER B 107 6.07 25.67 -6.78
C SER B 107 5.97 25.97 -5.28
N ASP B 108 4.86 25.60 -4.63
CA ASP B 108 4.79 25.81 -3.18
C ASP B 108 5.82 24.96 -2.46
N PHE B 109 6.01 23.73 -2.93
CA PHE B 109 6.96 22.82 -2.30
C PHE B 109 8.39 23.30 -2.49
N GLN B 110 8.68 23.89 -3.65
CA GLN B 110 9.99 24.49 -3.87
C GLN B 110 10.26 25.64 -2.91
N THR B 111 9.27 26.48 -2.65
CA THR B 111 9.45 27.58 -1.69
C THR B 111 9.68 27.04 -0.29
N PHE B 112 8.91 26.02 0.12
CA PHE B 112 9.14 25.35 1.40
C PHE B 112 10.61 24.90 1.48
N TRP B 113 11.10 24.28 0.40
CA TRP B 113 12.46 23.74 0.45
C TRP B 113 13.53 24.83 0.43
N LYS B 114 13.31 25.94 -0.30
CA LYS B 114 14.26 27.05 -0.16
C LYS B 114 14.29 27.57 1.27
N THR B 115 13.12 27.65 1.92
CA THR B 115 13.08 28.11 3.31
C THR B 115 13.88 27.17 4.19
N VAL B 116 13.68 25.86 4.04
CA VAL B 116 14.37 24.90 4.91
C VAL B 116 15.87 24.91 4.64
N ALA B 117 16.24 24.82 3.36
CA ALA B 117 17.66 24.75 3.04
C ALA B 117 18.41 25.99 3.47
N SER B 118 17.74 27.15 3.44
CA SER B 118 18.38 28.39 3.88
CA SER B 118 18.40 28.38 3.87
C SER B 118 18.81 28.34 5.33
N GLN B 119 18.20 27.48 6.15
CA GLN B 119 18.60 27.36 7.55
C GLN B 119 19.87 26.57 7.73
N PHE B 120 20.32 25.84 6.71
CA PHE B 120 21.42 24.90 6.84
C PHE B 120 22.42 25.05 5.70
N ALA B 121 22.39 26.17 4.96
CA ALA B 121 22.98 26.18 3.62
C ALA B 121 24.50 26.02 3.62
N SER B 122 25.17 26.43 4.68
CA SER B 122 26.63 26.34 4.76
C SER B 122 27.11 25.10 5.52
N ASN B 123 26.22 24.18 5.89
CA ASN B 123 26.62 23.03 6.68
C ASN B 123 26.72 21.82 5.76
N PRO B 124 27.94 21.35 5.43
CA PRO B 124 28.05 20.26 4.44
C PRO B 124 27.67 18.89 4.98
N LEU B 125 27.45 18.73 6.28
CA LEU B 125 27.07 17.46 6.86
C LEU B 125 25.57 17.34 7.03
N VAL B 126 24.80 18.32 6.61
CA VAL B 126 23.34 18.18 6.55
C VAL B 126 22.98 17.51 5.23
N ILE B 127 22.00 16.62 5.29
CA ILE B 127 21.45 15.93 4.12
C ILE B 127 19.96 16.27 4.10
N PHE B 128 19.45 16.69 2.95
CA PHE B 128 18.05 17.07 2.83
C PHE B 128 17.28 15.90 2.24
N ASP B 129 16.17 15.51 2.86
CA ASP B 129 15.38 14.37 2.39
C ASP B 129 14.03 14.93 1.94
N THR B 130 13.68 14.77 0.65
CA THR B 130 12.60 15.61 0.12
C THR B 130 11.28 15.42 0.85
N ASN B 131 10.92 14.18 1.15
CA ASN B 131 9.74 13.89 1.96
C ASN B 131 9.77 12.39 2.25
N ASN B 132 9.23 12.00 3.39
CA ASN B 132 9.16 10.58 3.73
C ASN B 132 7.98 9.92 3.03
N GLN B 133 8.25 8.93 2.18
CA GLN B 133 7.25 7.93 1.74
CA GLN B 133 7.25 7.93 1.76
C GLN B 133 6.04 8.53 1.04
N TYR B 134 6.28 9.14 -0.12
CA TYR B 134 5.17 9.45 -1.03
C TYR B 134 4.37 8.16 -1.29
N HIS B 135 3.05 8.28 -1.42
CA HIS B 135 2.24 7.08 -1.73
C HIS B 135 0.88 7.51 -2.26
N ASP B 136 0.23 6.62 -3.00
CA ASP B 136 -1.15 6.80 -3.46
C ASP B 136 -1.36 8.18 -4.09
N MET B 137 -0.54 8.49 -5.08
CA MET B 137 -0.52 9.82 -5.70
C MET B 137 0.10 9.70 -7.08
N ASP B 138 -0.10 10.72 -7.90
CA ASP B 138 0.31 10.65 -9.29
C ASP B 138 1.83 10.49 -9.40
N GLN B 139 2.27 9.57 -10.29
CA GLN B 139 3.69 9.25 -10.39
C GLN B 139 4.52 10.41 -10.96
N THR B 140 3.96 11.15 -11.94
CA THR B 140 4.65 12.34 -12.45
C THR B 140 4.73 13.42 -11.38
N LEU B 141 3.67 13.57 -10.58
CA LEU B 141 3.72 14.51 -9.46
C LEU B 141 4.85 14.18 -8.48
N VAL B 142 5.05 12.89 -8.17
CA VAL B 142 6.14 12.54 -7.25
C VAL B 142 7.49 12.96 -7.83
N LEU B 143 7.73 12.67 -9.11
CA LEU B 143 8.93 13.15 -9.78
C LEU B 143 9.06 14.66 -9.67
N ASN B 144 7.99 15.38 -9.97
CA ASN B 144 8.06 16.83 -10.01
C ASN B 144 8.23 17.44 -8.62
N LEU B 145 7.71 16.79 -7.58
CA LEU B 145 7.93 17.26 -6.21
C LEU B 145 9.37 17.05 -5.80
N ASN B 146 9.96 15.91 -6.13
CA ASN B 146 11.37 15.71 -5.84
C ASN B 146 12.22 16.75 -6.58
N GLN B 147 11.91 17.01 -7.87
CA GLN B 147 12.69 18.00 -8.62
C GLN B 147 12.52 19.40 -8.03
N ALA B 148 11.29 19.75 -7.63
CA ALA B 148 11.08 21.07 -7.01
C ALA B 148 11.88 21.23 -5.74
N ALA B 149 11.96 20.18 -4.92
CA ALA B 149 12.76 20.20 -3.71
C ALA B 149 14.23 20.44 -4.03
N ILE B 150 14.78 19.70 -5.00
CA ILE B 150 16.17 19.90 -5.39
C ILE B 150 16.38 21.35 -5.83
N ASP B 151 15.47 21.84 -6.67
CA ASP B 151 15.64 23.21 -7.21
C ASP B 151 15.59 24.25 -6.09
N GLY B 152 14.70 24.05 -5.11
CA GLY B 152 14.61 24.99 -4.01
C GLY B 152 15.86 24.96 -3.14
N ILE B 153 16.33 23.74 -2.82
CA ILE B 153 17.55 23.58 -2.04
C ILE B 153 18.74 24.27 -2.71
N ARG B 154 18.96 23.95 -3.98
CA ARG B 154 20.12 24.54 -4.67
C ARG B 154 19.97 26.05 -4.84
N SER B 155 18.75 26.53 -5.06
CA SER B 155 18.55 27.98 -5.16
C SER B 155 18.92 28.73 -3.89
N ALA B 156 18.91 28.07 -2.73
CA ALA B 156 19.30 28.71 -1.48
C ALA B 156 20.82 28.80 -1.32
N GLY B 157 21.58 28.26 -2.27
CA GLY B 157 23.01 28.19 -2.07
C GLY B 157 23.46 26.98 -1.29
N ALA B 158 22.55 26.05 -1.00
CA ALA B 158 22.91 24.83 -0.28
C ALA B 158 23.33 23.84 -1.38
N THR B 159 24.61 23.95 -1.78
CA THR B 159 25.12 23.19 -2.92
C THR B 159 26.06 22.08 -2.53
N SER B 160 26.53 22.04 -1.29
CA SER B 160 27.48 21.01 -0.87
C SER B 160 26.81 19.73 -0.38
N GLN B 161 25.52 19.78 -0.11
CA GLN B 161 24.82 18.74 0.63
C GLN B 161 24.26 17.68 -0.30
N TYR B 162 24.28 16.43 0.19
CA TYR B 162 23.53 15.39 -0.50
C TYR B 162 22.04 15.61 -0.33
N ILE B 163 21.28 15.14 -1.31
CA ILE B 163 19.83 15.19 -1.30
C ILE B 163 19.32 13.77 -1.45
N PHE B 164 18.56 13.31 -0.45
CA PHE B 164 17.91 12.01 -0.51
C PHE B 164 16.54 12.22 -1.15
N VAL B 165 16.32 11.55 -2.30
CA VAL B 165 15.02 11.61 -2.97
C VAL B 165 14.26 10.34 -2.62
N GLU B 166 12.94 10.42 -2.58
CA GLU B 166 12.10 9.27 -2.24
C GLU B 166 11.05 9.09 -3.30
N GLY B 167 10.74 7.83 -3.59
CA GLY B 167 9.75 7.50 -4.59
C GLY B 167 8.36 7.27 -4.03
N ASN B 168 7.45 6.95 -4.94
CA ASN B 168 6.07 6.53 -4.65
C ASN B 168 6.09 5.12 -4.07
N SER B 169 4.90 4.59 -3.75
CA SER B 169 4.79 3.24 -3.17
C SER B 169 5.59 3.19 -1.87
N TRP B 170 5.50 4.27 -1.08
CA TRP B 170 6.14 4.31 0.24
C TRP B 170 7.65 4.14 0.14
N THR B 171 8.20 4.53 -1.02
CA THR B 171 9.61 4.41 -1.39
C THR B 171 10.18 3.00 -1.11
N GLY B 172 9.35 1.97 -1.22
CA GLY B 172 9.82 0.62 -0.88
C GLY B 172 10.85 0.10 -1.88
N ALA B 173 11.91 -0.55 -1.39
CA ALA B 173 12.87 -1.14 -2.31
C ALA B 173 12.24 -2.27 -3.14
N TRP B 174 11.41 -3.09 -2.50
CA TRP B 174 10.87 -4.27 -3.18
C TRP B 174 9.95 -3.92 -4.32
N THR B 175 9.35 -2.73 -4.30
CA THR B 175 8.44 -2.30 -5.35
C THR B 175 9.07 -1.25 -6.28
N TRP B 176 10.36 -0.95 -6.12
CA TRP B 176 10.93 0.22 -6.77
C TRP B 176 10.88 0.13 -8.29
N THR B 177 11.37 -0.97 -8.86
CA THR B 177 11.62 -1.01 -10.30
CA THR B 177 11.63 -1.01 -10.30
C THR B 177 10.36 -0.82 -11.12
N ASN B 178 9.26 -1.43 -10.73
CA ASN B 178 8.08 -1.27 -11.58
C ASN B 178 7.26 -0.03 -11.26
N VAL B 179 7.47 0.66 -10.15
CA VAL B 179 6.73 1.88 -9.82
CA VAL B 179 6.72 1.87 -9.87
C VAL B 179 7.52 3.13 -10.16
N ASN B 180 8.80 3.15 -9.77
CA ASN B 180 9.55 4.39 -9.65
C ASN B 180 10.62 4.56 -10.72
N ASP B 181 10.49 3.86 -11.84
CA ASP B 181 11.47 3.99 -12.90
C ASP B 181 11.66 5.44 -13.34
N ASN B 182 10.57 6.23 -13.36
CA ASN B 182 10.69 7.62 -13.84
C ASN B 182 11.61 8.47 -12.98
N MET B 183 11.88 8.07 -11.75
CA MET B 183 12.76 8.82 -10.85
C MET B 183 14.18 8.96 -11.37
N LYS B 184 14.58 8.12 -12.33
CA LYS B 184 15.92 8.22 -12.90
CA LYS B 184 15.92 8.23 -12.88
C LYS B 184 16.16 9.57 -13.57
N SER B 185 15.09 10.28 -13.95
CA SER B 185 15.29 11.52 -14.70
CA SER B 185 15.20 11.54 -14.69
C SER B 185 15.50 12.74 -13.81
N LEU B 186 15.53 12.58 -12.49
CA LEU B 186 15.81 13.71 -11.60
C LEU B 186 17.20 14.26 -11.90
N THR B 187 17.33 15.59 -11.78
CA THR B 187 18.56 16.30 -12.13
C THR B 187 19.02 17.15 -10.94
N ASP B 188 20.33 17.27 -10.79
CA ASP B 188 20.92 18.07 -9.71
C ASP B 188 22.24 18.63 -10.20
N PRO B 189 22.38 19.96 -10.26
CA PRO B 189 23.66 20.54 -10.71
C PRO B 189 24.83 20.20 -9.81
N SER B 190 24.58 19.84 -8.55
CA SER B 190 25.66 19.41 -7.66
C SER B 190 25.99 17.93 -7.80
N ASP B 191 25.19 17.16 -8.55
CA ASP B 191 25.41 15.73 -8.75
C ASP B 191 25.51 14.97 -7.42
N LYS B 192 24.56 15.23 -6.52
CA LYS B 192 24.59 14.60 -5.19
CA LYS B 192 24.58 14.63 -5.18
C LYS B 192 23.24 14.03 -4.81
N ILE B 193 22.50 13.48 -5.79
CA ILE B 193 21.25 12.78 -5.51
C ILE B 193 21.57 11.36 -5.03
N ILE B 194 20.90 10.95 -3.95
CA ILE B 194 20.92 9.56 -3.50
C ILE B 194 19.47 9.09 -3.44
N TYR B 195 19.19 7.91 -4.03
CA TYR B 195 17.85 7.35 -4.06
C TYR B 195 17.61 6.61 -2.75
N GLU B 196 16.76 7.15 -1.90
CA GLU B 196 16.44 6.55 -0.62
C GLU B 196 15.25 5.64 -0.73
N MET B 197 15.48 4.39 -0.32
CA MET B 197 14.45 3.37 -0.33
C MET B 197 14.35 2.78 1.06
N HIS B 198 13.18 2.25 1.37
CA HIS B 198 12.88 1.69 2.68
C HIS B 198 12.54 0.21 2.52
N GLN B 199 12.86 -0.58 3.54
CA GLN B 199 12.55 -2.01 3.44
C GLN B 199 12.33 -2.61 4.82
N PHE B 200 11.16 -3.20 4.99
CA PHE B 200 10.90 -4.05 6.14
C PHE B 200 10.78 -5.50 5.68
N LEU B 201 10.74 -6.38 6.66
CA LEU B 201 10.96 -7.81 6.49
C LEU B 201 9.78 -8.65 6.95
N ASP B 202 8.70 -8.02 7.43
CA ASP B 202 7.46 -8.70 7.76
C ASP B 202 6.63 -8.95 6.50
N SER B 203 5.57 -9.77 6.66
CA SER B 203 4.87 -10.30 5.48
CA SER B 203 4.88 -10.30 5.48
C SER B 203 4.48 -9.21 4.50
N ASP B 204 3.83 -8.15 4.99
CA ASP B 204 3.33 -7.10 4.11
C ASP B 204 4.29 -5.94 3.95
N GLY B 205 5.49 -6.03 4.54
CA GLY B 205 6.43 -4.93 4.43
C GLY B 205 6.10 -3.66 5.20
N SER B 206 5.10 -3.73 6.09
CA SER B 206 4.67 -2.54 6.83
C SER B 206 5.60 -2.19 7.97
N GLY B 207 6.49 -3.08 8.39
CA GLY B 207 7.27 -2.83 9.59
C GLY B 207 6.45 -2.65 10.85
N THR B 208 5.40 -3.45 11.00
CA THR B 208 4.59 -3.41 12.20
C THR B 208 4.60 -4.72 12.97
N SER B 209 5.30 -5.74 12.49
CA SER B 209 5.42 -6.99 13.21
C SER B 209 6.90 -7.33 13.40
N ALA B 210 7.20 -7.92 14.55
CA ALA B 210 8.56 -8.38 14.83
C ALA B 210 8.94 -9.65 14.09
N THR B 211 7.98 -10.33 13.48
CA THR B 211 8.22 -11.58 12.73
C THR B 211 8.66 -11.26 11.31
N CYS B 212 9.73 -11.92 10.86
CA CYS B 212 10.20 -11.75 9.49
C CYS B 212 9.74 -12.96 8.68
N VAL B 213 9.49 -12.76 7.37
CA VAL B 213 9.01 -13.83 6.50
C VAL B 213 9.97 -15.01 6.46
N SER B 214 11.26 -14.72 6.33
CA SER B 214 12.26 -15.77 6.17
C SER B 214 13.62 -15.19 6.46
N SER B 215 14.60 -16.07 6.57
CA SER B 215 15.98 -15.71 6.84
CA SER B 215 15.96 -15.66 6.87
C SER B 215 16.66 -15.02 5.67
N THR B 216 16.04 -14.97 4.49
CA THR B 216 16.67 -14.40 3.31
C THR B 216 15.84 -13.26 2.72
N ILE B 217 14.79 -12.85 3.41
CA ILE B 217 13.79 -11.94 2.82
C ILE B 217 14.35 -10.55 2.52
N GLY B 218 15.36 -10.10 3.28
CA GLY B 218 15.88 -8.77 3.04
C GLY B 218 16.65 -8.70 1.74
N GLN B 219 17.63 -9.60 1.57
CA GLN B 219 18.34 -9.72 0.30
C GLN B 219 17.37 -9.85 -0.86
N GLU B 220 16.39 -10.75 -0.73
CA GLU B 220 15.44 -10.99 -1.81
C GLU B 220 14.72 -9.71 -2.18
N ARG B 221 14.30 -8.93 -1.19
CA ARG B 221 13.50 -7.74 -1.44
C ARG B 221 14.28 -6.54 -1.97
N ILE B 222 15.61 -6.52 -1.89
CA ILE B 222 16.37 -5.40 -2.41
C ILE B 222 17.13 -5.73 -3.68
N THR B 223 17.05 -6.97 -4.16
CA THR B 223 17.83 -7.41 -5.33
C THR B 223 17.47 -6.64 -6.59
N SER B 224 16.17 -6.54 -6.91
CA SER B 224 15.72 -5.82 -8.11
CA SER B 224 15.82 -5.85 -8.15
CA SER B 224 15.74 -5.83 -8.12
C SER B 224 16.17 -4.36 -8.07
N ALA B 225 16.00 -3.71 -6.91
CA ALA B 225 16.39 -2.31 -6.77
C ALA B 225 17.89 -2.14 -6.99
N THR B 226 18.69 -3.08 -6.50
CA THR B 226 20.13 -3.04 -6.70
C THR B 226 20.47 -3.02 -8.19
N GLN B 227 19.82 -3.90 -8.95
CA GLN B 227 20.08 -3.96 -10.39
CA GLN B 227 20.09 -3.96 -10.39
C GLN B 227 19.64 -2.66 -11.08
N TRP B 228 18.53 -2.07 -10.61
CA TRP B 228 18.06 -0.81 -11.21
C TRP B 228 19.04 0.32 -10.98
N LEU B 229 19.57 0.42 -9.77
CA LEU B 229 20.57 1.45 -9.49
C LEU B 229 21.78 1.27 -10.38
N ARG B 230 22.24 0.04 -10.55
CA ARG B 230 23.43 -0.15 -11.36
C ARG B 230 23.16 0.14 -12.83
N ALA B 231 22.03 -0.34 -13.35
CA ALA B 231 21.72 -0.13 -14.77
C ALA B 231 21.62 1.34 -15.09
N ASN B 232 21.18 2.14 -14.14
CA ASN B 232 20.94 3.57 -14.33
C ASN B 232 22.06 4.44 -13.80
N GLY B 233 23.14 3.85 -13.32
CA GLY B 233 24.27 4.62 -12.81
C GLY B 233 23.94 5.51 -11.61
N LYS B 234 23.07 5.05 -10.72
CA LYS B 234 22.61 5.80 -9.56
C LYS B 234 23.20 5.23 -8.28
N LYS B 235 23.07 6.01 -7.20
CA LYS B 235 23.46 5.58 -5.87
C LYS B 235 22.19 5.55 -5.02
N GLY B 236 22.10 4.56 -4.12
CA GLY B 236 20.97 4.45 -3.22
C GLY B 236 21.40 4.37 -1.76
N ILE B 237 20.39 4.51 -0.91
CA ILE B 237 20.56 4.27 0.52
C ILE B 237 19.27 3.62 1.01
N ILE B 238 19.39 2.75 2.00
CA ILE B 238 18.22 2.22 2.70
C ILE B 238 18.00 3.15 3.90
N GLY B 239 16.95 3.96 3.81
CA GLY B 239 16.77 5.00 4.83
C GLY B 239 15.92 4.61 6.03
N GLU B 240 15.29 3.43 5.99
CA GLU B 240 14.41 2.95 7.05
C GLU B 240 14.33 1.44 6.86
N PHE B 241 14.79 0.67 7.86
CA PHE B 241 14.68 -0.78 7.84
C PHE B 241 14.76 -1.25 9.27
N ALA B 242 14.22 -2.45 9.51
CA ALA B 242 14.26 -3.05 10.84
C ALA B 242 13.81 -4.50 10.70
N GLY B 243 14.06 -5.25 11.77
CA GLY B 243 13.47 -6.55 11.99
C GLY B 243 13.47 -6.78 13.48
N GLY B 244 12.69 -7.78 13.90
CA GLY B 244 12.58 -8.09 15.32
C GLY B 244 13.84 -8.71 15.85
N ALA B 245 13.99 -8.67 17.18
CA ALA B 245 15.11 -9.31 17.87
C ALA B 245 14.79 -10.79 18.02
N ASN B 246 15.04 -11.54 16.95
CA ASN B 246 14.82 -12.99 16.92
C ASN B 246 15.71 -13.54 15.83
N ASP B 247 15.80 -14.86 15.79
CA ASP B 247 16.83 -15.52 15.02
C ASP B 247 16.59 -15.32 13.51
N VAL B 248 15.34 -15.53 13.05
CA VAL B 248 15.07 -15.41 11.62
C VAL B 248 15.34 -13.99 11.14
N CYS B 249 14.87 -12.98 11.91
CA CYS B 249 15.07 -11.59 11.48
C CYS B 249 16.54 -11.22 11.52
N GLU B 250 17.26 -11.66 12.56
CA GLU B 250 18.68 -11.35 12.65
C GLU B 250 19.43 -11.94 11.46
N THR B 251 19.10 -13.18 11.06
CA THR B 251 19.72 -13.77 9.88
CA THR B 251 19.72 -13.77 9.88
C THR B 251 19.36 -12.99 8.63
N ALA B 252 18.11 -12.58 8.50
CA ALA B 252 17.71 -11.77 7.35
C ALA B 252 18.43 -10.43 7.29
N ILE B 253 18.63 -9.79 8.45
CA ILE B 253 19.32 -8.50 8.50
C ILE B 253 20.78 -8.68 8.10
N THR B 254 21.47 -9.69 8.66
CA THR B 254 22.84 -9.96 8.26
C THR B 254 22.93 -10.27 6.76
N GLY B 255 22.00 -11.09 6.26
CA GLY B 255 22.02 -11.42 4.85
C GLY B 255 21.80 -10.21 3.97
N MET B 256 20.87 -9.35 4.35
CA MET B 256 20.65 -8.14 3.57
C MET B 256 21.87 -7.24 3.55
N LEU B 257 22.46 -6.99 4.73
CA LEU B 257 23.59 -6.08 4.80
C LEU B 257 24.83 -6.67 4.16
N ASP B 258 25.02 -8.00 4.28
CA ASP B 258 26.10 -8.66 3.54
C ASP B 258 25.92 -8.52 2.03
N TYR B 259 24.68 -8.69 1.55
CA TYR B 259 24.42 -8.46 0.13
C TYR B 259 24.73 -7.02 -0.26
N MET B 260 24.32 -6.04 0.56
CA MET B 260 24.63 -4.65 0.24
C MET B 260 26.12 -4.41 0.21
N ALA B 261 26.87 -5.07 1.08
CA ALA B 261 28.31 -4.86 1.17
C ALA B 261 29.03 -5.40 -0.05
N GLN B 262 28.41 -6.32 -0.79
CA GLN B 262 28.93 -6.82 -2.05
C GLN B 262 28.54 -5.92 -3.22
N ASN B 263 27.76 -4.87 -2.96
CA ASN B 263 27.19 -4.02 -3.98
C ASN B 263 27.34 -2.54 -3.58
N THR B 264 28.50 -2.19 -3.01
CA THR B 264 28.76 -0.81 -2.62
C THR B 264 29.02 0.13 -3.79
N ASP B 265 29.13 -0.37 -5.01
CA ASP B 265 29.16 0.55 -6.14
C ASP B 265 27.82 1.28 -6.27
N VAL B 266 26.74 0.71 -5.73
CA VAL B 266 25.43 1.36 -5.74
C VAL B 266 24.91 1.67 -4.34
N TRP B 267 25.16 0.84 -3.32
CA TRP B 267 24.60 1.10 -2.00
C TRP B 267 25.57 1.92 -1.15
N THR B 268 25.09 3.09 -0.70
CA THR B 268 25.86 3.98 0.17
C THR B 268 25.70 3.63 1.64
N GLY B 269 24.72 2.78 1.99
CA GLY B 269 24.57 2.33 3.37
C GLY B 269 23.12 2.20 3.77
N ALA B 270 22.90 2.32 5.09
CA ALA B 270 21.63 1.94 5.68
C ALA B 270 21.38 2.70 6.99
N ILE B 271 20.10 2.91 7.29
CA ILE B 271 19.67 3.68 8.45
C ILE B 271 18.55 2.92 9.16
N TRP B 272 18.83 2.46 10.39
CA TRP B 272 17.88 1.65 11.14
C TRP B 272 16.67 2.47 11.58
N TRP B 273 15.49 1.84 11.61
CA TRP B 273 14.28 2.44 12.19
C TRP B 273 13.96 1.67 13.48
N ALA B 274 14.08 2.30 14.67
CA ALA B 274 14.46 3.70 14.94
C ALA B 274 14.96 3.79 16.37
N ALA B 275 15.76 4.84 16.62
CA ALA B 275 16.05 5.31 17.96
C ALA B 275 15.15 6.51 18.24
N GLY B 276 15.33 7.12 19.42
CA GLY B 276 14.49 8.21 19.88
C GLY B 276 14.07 7.95 21.32
N PRO B 277 13.62 8.99 22.04
CA PRO B 277 13.46 8.85 23.49
C PRO B 277 12.11 8.34 23.97
N TRP B 278 11.13 8.22 23.08
CA TRP B 278 9.77 7.88 23.48
C TRP B 278 9.33 6.53 22.89
N TRP B 279 10.26 5.59 22.72
CA TRP B 279 9.87 4.30 22.18
C TRP B 279 9.61 3.23 23.24
N GLY B 280 10.18 3.36 24.44
CA GLY B 280 9.94 2.35 25.46
C GLY B 280 10.30 0.95 24.97
N ASP B 281 9.39 -0.01 25.12
CA ASP B 281 9.66 -1.39 24.75
C ASP B 281 9.38 -1.70 23.28
N TYR B 282 9.30 -0.68 22.43
CA TYR B 282 9.10 -0.84 20.99
C TYR B 282 9.97 -1.96 20.44
N ILE B 283 9.36 -2.77 19.57
CA ILE B 283 10.03 -3.94 18.99
C ILE B 283 11.31 -3.60 18.20
N PHE B 284 11.47 -2.35 17.72
CA PHE B 284 12.63 -1.98 16.92
C PHE B 284 13.51 -0.92 17.60
N SER B 285 13.38 -0.66 18.91
CA SER B 285 14.05 0.50 19.49
C SER B 285 15.57 0.34 19.53
N MET B 286 16.25 1.27 18.84
CA MET B 286 17.70 1.45 18.86
C MET B 286 18.17 2.45 19.90
N GLU B 287 17.31 2.84 20.81
CA GLU B 287 17.69 3.88 21.77
C GLU B 287 18.59 3.32 22.86
N PRO B 288 19.82 3.81 23.02
CA PRO B 288 20.61 3.42 24.19
C PRO B 288 19.93 3.87 25.48
N ASP B 289 20.13 3.14 26.58
CA ASP B 289 20.97 1.94 26.68
C ASP B 289 20.12 0.69 26.70
N ASN B 290 18.80 0.84 26.66
CA ASN B 290 17.90 -0.28 26.92
C ASN B 290 16.94 -0.64 25.79
N GLY B 291 17.02 0.00 24.63
CA GLY B 291 16.21 -0.45 23.51
C GLY B 291 16.55 -1.87 23.13
N ILE B 292 15.52 -2.64 22.72
CA ILE B 292 15.75 -4.05 22.40
C ILE B 292 16.68 -4.20 21.21
N ALA B 293 16.55 -3.35 20.18
CA ALA B 293 17.46 -3.43 19.06
C ALA B 293 18.84 -2.93 19.43
N TYR B 294 18.93 -1.93 20.32
CA TYR B 294 20.25 -1.50 20.78
C TYR B 294 21.00 -2.66 21.44
N GLN B 295 20.27 -3.47 22.22
CA GLN B 295 20.94 -4.56 22.94
C GLN B 295 21.19 -5.78 22.06
N GLN B 296 20.23 -6.13 21.21
CA GLN B 296 20.30 -7.42 20.51
C GLN B 296 20.65 -7.30 19.04
N ILE B 297 20.35 -6.18 18.39
CA ILE B 297 20.65 -6.01 16.98
C ILE B 297 21.97 -5.28 16.77
N LEU B 298 22.26 -4.25 17.55
CA LEU B 298 23.52 -3.54 17.35
C LEU B 298 24.72 -4.48 17.26
N PRO B 299 24.81 -5.57 18.03
CA PRO B 299 25.96 -6.48 17.87
C PRO B 299 26.09 -7.09 16.47
N ILE B 300 24.99 -7.27 15.73
CA ILE B 300 25.08 -7.74 14.34
C ILE B 300 25.30 -6.61 13.34
N LEU B 301 25.18 -5.35 13.76
CA LEU B 301 25.49 -4.23 12.89
C LEU B 301 26.93 -3.80 13.01
N THR B 302 27.54 -4.00 14.17
CA THR B 302 28.93 -3.62 14.43
C THR B 302 29.93 -4.12 13.38
N PRO B 303 29.74 -5.30 12.77
CA PRO B 303 30.69 -5.72 11.73
C PRO B 303 30.76 -4.77 10.53
N TYR B 304 29.77 -3.90 10.31
CA TYR B 304 29.81 -2.97 9.20
C TYR B 304 30.35 -1.62 9.58
N LEU B 305 30.63 -1.40 10.87
CA LEU B 305 30.93 -0.07 11.36
C LEU B 305 32.42 0.16 11.60
#